data_7KKZ
#
_entry.id   7KKZ
#
_cell.length_a   68.398
_cell.length_b   68.398
_cell.length_c   184.723
_cell.angle_alpha   90.000
_cell.angle_beta   90.000
_cell.angle_gamma   120.000
#
_symmetry.space_group_name_H-M   'P 31 2 1'
#
loop_
_entity.id
_entity.type
_entity.pdbx_description
1 polymer 'Light chain of Fab fragment of mouse monoclonal antibody M4H2K1'
2 polymer 'Heavy chain of Fab fragment of mouse monoclonal antibody M4H2K1'
3 non-polymer '2-[N-CYCLOHEXYLAMINO]ETHANE SULFONIC ACID'
4 non-polymer 1,2-ETHANEDIOL
5 water water
#
loop_
_entity_poly.entity_id
_entity_poly.type
_entity_poly.pdbx_seq_one_letter_code
_entity_poly.pdbx_strand_id
1 'polypeptide(L)'
;DIVLTQSPASLAVSLGQRATISCRASESVDIYGISFMNWFQQRPGQPPKLLIYAASNRGSGVPARFSGSGSGTDFSLNIH
PMEEDDTAMYFCQQSKEVPWTFGGGTKLEIKRTVAAPSVFIFPPSDEQLKSGTASVVCLLNNFYPREAKVQWKVDNALQS
GNSQESVTEQDSKDSTYSLSSTLTLSKADYEKHKVYACEVTHQGLSSPVTKSFNRGEC
;
L
2 'polypeptide(L)'
;EVKLEESGGGLVQPGGSMKLSCVASGITFSNSWMSWVRQSPEKGLEWVAEIRLKAQNYATHYAASVKGRFTISRDDSKSS
VYLQMNNLRPEDTGIYYCTTPLGGYFDMDYWGQGTSLTVSSASTKGPSVFPLAPSSKSTSGGTAALGCLVKDYFPEPVTV
SWNSGALTSGVHTFPAVLQSSGLYSLSSVVTVPSSSLGTQTYICNVNHKPSNTKVDKRVEPKSCDK
;
H
#
loop_
_chem_comp.id
_chem_comp.type
_chem_comp.name
_chem_comp.formula
EDO non-polymer 1,2-ETHANEDIOL 'C2 H6 O2'
NHE non-polymer '2-[N-CYCLOHEXYLAMINO]ETHANE SULFONIC ACID' 'C8 H17 N O3 S'
#
# COMPACT_ATOMS: atom_id res chain seq x y z
N ASP A 1 13.60 -4.60 22.48
CA ASP A 1 12.40 -3.83 22.22
C ASP A 1 11.21 -4.71 22.61
N ILE A 2 10.08 -4.07 22.88
CA ILE A 2 8.82 -4.80 23.08
C ILE A 2 8.22 -5.09 21.71
N VAL A 3 8.25 -6.34 21.28
CA VAL A 3 7.78 -6.70 19.95
C VAL A 3 6.29 -7.03 20.05
N LEU A 4 5.50 -6.45 19.15
CA LEU A 4 4.04 -6.66 19.15
C LEU A 4 3.67 -7.55 17.98
N THR A 5 3.04 -8.69 18.29
CA THR A 5 2.56 -9.65 17.28
C THR A 5 1.07 -9.42 17.09
N GLN A 6 0.73 -8.78 15.98
CA GLN A 6 -0.63 -8.42 15.70
C GLN A 6 -1.23 -9.45 14.76
N SER A 7 -2.46 -9.87 15.07
CA SER A 7 -3.11 -10.90 14.26
C SER A 7 -4.60 -10.57 14.09
N PRO A 8 -5.17 -10.88 12.93
CA PRO A 8 -4.51 -11.37 11.72
C PRO A 8 -4.01 -10.20 10.89
N ALA A 9 -3.15 -10.47 9.90
CA ALA A 9 -2.73 -9.39 9.03
C ALA A 9 -3.88 -8.91 8.16
N SER A 10 -4.82 -9.82 7.83
CA SER A 10 -5.95 -9.53 6.96
C SER A 10 -7.19 -10.15 7.57
N LEU A 11 -8.27 -9.38 7.72
CA LEU A 11 -9.49 -9.82 8.39
C LEU A 11 -10.67 -9.38 7.54
N ALA A 12 -11.57 -10.32 7.21
CA ALA A 12 -12.81 -10.02 6.49
C ALA A 12 -13.98 -10.33 7.40
N VAL A 13 -14.85 -9.34 7.62
CA VAL A 13 -15.97 -9.49 8.53
C VAL A 13 -17.24 -9.04 7.83
N SER A 14 -18.35 -9.73 8.11
CA SER A 14 -19.63 -9.31 7.54
C SER A 14 -20.13 -8.06 8.24
N LEU A 15 -20.63 -7.10 7.46
CA LEU A 15 -21.28 -5.94 8.07
C LEU A 15 -22.34 -6.40 9.05
N GLY A 16 -22.36 -5.75 10.21
CA GLY A 16 -23.28 -6.14 11.26
C GLY A 16 -22.73 -7.11 12.27
N GLN A 17 -21.56 -7.70 12.02
CA GLN A 17 -20.96 -8.67 12.91
C GLN A 17 -19.73 -8.06 13.58
N ARG A 18 -19.13 -8.80 14.50
CA ARG A 18 -18.02 -8.28 15.30
C ARG A 18 -16.68 -8.60 14.64
N ALA A 19 -15.82 -7.59 14.54
CA ALA A 19 -14.43 -7.75 14.13
C ALA A 19 -13.53 -7.69 15.36
N THR A 20 -12.70 -8.71 15.55
CA THR A 20 -11.77 -8.80 16.67
C THR A 20 -10.35 -8.83 16.14
N ILE A 21 -9.54 -7.86 16.58
CA ILE A 21 -8.15 -7.74 16.15
C ILE A 21 -7.32 -7.89 17.42
N SER A 22 -6.25 -8.67 17.35
CA SER A 22 -5.49 -8.97 18.56
C SER A 22 -4.04 -8.55 18.45
N CYS A 23 -3.43 -8.32 19.61
CA CYS A 23 -2.04 -7.94 19.71
CA CYS A 23 -2.02 -7.99 19.68
C CYS A 23 -1.42 -8.63 20.92
N ARG A 24 -0.31 -9.34 20.72
CA ARG A 24 0.47 -9.96 21.79
C ARG A 24 1.78 -9.21 21.92
N ALA A 25 2.11 -8.78 23.14
CA ALA A 25 3.41 -8.15 23.37
C ALA A 25 4.42 -9.18 23.87
N SER A 26 5.68 -8.98 23.48
CA SER A 26 6.73 -9.94 23.88
C SER A 26 7.03 -9.90 25.38
N GLU A 27 6.64 -8.82 26.06
CA GLU A 27 6.76 -8.66 27.50
C GLU A 27 5.62 -7.74 27.92
N SER A 28 5.36 -7.72 29.24
CA SER A 28 4.20 -6.99 29.76
C SER A 28 4.31 -5.50 29.47
N VAL A 29 3.17 -4.90 29.16
CA VAL A 29 3.08 -3.46 28.98
C VAL A 29 2.36 -2.80 30.16
N ASP A 30 2.26 -3.49 31.29
CA ASP A 30 1.59 -2.96 32.47
C ASP A 30 2.59 -2.21 33.35
N ILE A 31 2.15 -1.06 33.87
CA ILE A 31 2.79 -0.38 35.01
C ILE A 31 1.68 -0.01 35.98
N TYR A 32 1.76 -0.52 37.20
CA TYR A 32 0.84 -0.15 38.29
C TYR A 32 -0.63 -0.23 37.83
N GLY A 33 -1.01 -1.41 37.35
CA GLY A 33 -2.39 -1.65 36.99
C GLY A 33 -2.89 -0.97 35.73
N ILE A 34 -2.08 -0.10 35.10
CA ILE A 34 -2.41 0.49 33.81
C ILE A 34 -1.67 -0.27 32.71
N SER A 35 -2.39 -0.64 31.65
CA SER A 35 -1.83 -1.34 30.51
C SER A 35 -1.63 -0.34 29.38
N PHE A 36 -0.37 -0.12 28.99
CA PHE A 36 -0.03 0.95 28.04
C PHE A 36 -0.05 0.42 26.61
N MET A 37 -1.26 0.11 26.16
CA MET A 37 -1.50 -0.35 24.79
C MET A 37 -2.54 0.54 24.12
N ASN A 38 -2.18 1.08 22.97
CA ASN A 38 -3.04 1.97 22.20
C ASN A 38 -3.45 1.27 20.91
N TRP A 39 -4.61 1.67 20.39
CA TRP A 39 -5.06 1.21 19.07
C TRP A 39 -5.35 2.40 18.18
N PHE A 40 -4.91 2.30 16.92
CA PHE A 40 -5.11 3.31 15.89
C PHE A 40 -5.85 2.73 14.67
N GLN A 41 -6.68 3.57 14.05
CA GLN A 41 -7.27 3.31 12.75
C GLN A 41 -6.55 4.17 11.72
N GLN A 42 -6.30 3.63 10.53
CA GLN A 42 -5.73 4.45 9.48
C GLN A 42 -6.46 4.19 8.17
N ARG A 43 -7.03 5.22 7.60
CA ARG A 43 -7.67 5.22 6.30
C ARG A 43 -6.68 5.65 5.25
N PRO A 44 -6.88 5.25 3.98
CA PRO A 44 -5.87 5.53 2.95
C PRO A 44 -5.61 7.02 2.79
N GLY A 45 -4.33 7.38 2.74
CA GLY A 45 -3.97 8.75 2.56
C GLY A 45 -4.01 9.62 3.81
N GLN A 46 -4.46 9.09 4.93
CA GLN A 46 -4.66 9.84 6.16
C GLN A 46 -3.73 9.33 7.25
N PRO A 47 -3.46 10.15 8.26
CA PRO A 47 -2.63 9.70 9.39
C PRO A 47 -3.40 8.78 10.31
N PRO A 48 -2.69 8.04 11.16
CA PRO A 48 -3.34 7.21 12.18
C PRO A 48 -4.23 8.04 13.10
N LYS A 49 -5.38 7.47 13.47
CA LYS A 49 -6.34 8.09 14.38
C LYS A 49 -6.46 7.21 15.63
N LEU A 50 -6.20 7.80 16.81
CA LEU A 50 -6.30 7.06 18.06
C LEU A 50 -7.75 6.66 18.32
N LEU A 51 -7.97 5.36 18.53
CA LEU A 51 -9.28 4.81 18.86
C LEU A 51 -9.40 4.47 20.34
N ILE A 52 -8.40 3.76 20.87
CA ILE A 52 -8.37 3.23 22.23
C ILE A 52 -7.03 3.62 22.85
N TYR A 53 -7.05 4.14 24.07
CA TYR A 53 -5.82 4.41 24.79
C TYR A 53 -5.79 3.63 26.09
N ALA A 54 -4.59 3.25 26.52
CA ALA A 54 -4.40 2.50 27.76
C ALA A 54 -5.32 1.27 27.84
N ALA A 55 -5.31 0.50 26.75
CA ALA A 55 -5.94 -0.81 26.61
C ALA A 55 -7.45 -0.77 26.44
N SER A 56 -8.14 0.03 27.25
CA SER A 56 -9.60 -0.12 27.35
C SER A 56 -10.39 1.18 27.27
N ASN A 57 -9.76 2.32 27.02
CA ASN A 57 -10.44 3.61 27.09
C ASN A 57 -10.72 4.11 25.70
N ARG A 58 -11.99 4.38 25.39
CA ARG A 58 -12.32 4.96 24.11
C ARG A 58 -11.91 6.42 24.02
N GLY A 59 -11.31 6.79 22.89
CA GLY A 59 -10.98 8.19 22.64
C GLY A 59 -12.23 9.05 22.55
N SER A 60 -12.06 10.35 22.79
CA SER A 60 -13.21 11.24 22.75
C SER A 60 -13.79 11.29 21.34
N GLY A 61 -15.10 11.08 21.23
CA GLY A 61 -15.78 11.08 19.95
C GLY A 61 -15.68 9.80 19.16
N VAL A 62 -14.87 8.85 19.62
CA VAL A 62 -14.78 7.54 18.97
C VAL A 62 -16.10 6.79 19.17
N PRO A 63 -16.70 6.25 18.11
CA PRO A 63 -18.01 5.62 18.25
C PRO A 63 -18.03 4.45 19.23
N ALA A 64 -19.20 4.23 19.84
CA ALA A 64 -19.33 3.21 20.88
C ALA A 64 -19.10 1.79 20.37
N ARG A 65 -19.17 1.56 19.06
CA ARG A 65 -18.92 0.20 18.58
C ARG A 65 -17.46 -0.21 18.68
N PHE A 66 -16.54 0.73 18.94
CA PHE A 66 -15.15 0.38 19.22
C PHE A 66 -14.95 0.16 20.72
N SER A 67 -14.24 -0.93 21.05
CA SER A 67 -13.86 -1.19 22.44
C SER A 67 -12.55 -1.93 22.47
N GLY A 68 -11.84 -1.82 23.59
CA GLY A 68 -10.56 -2.48 23.76
C GLY A 68 -10.53 -3.21 25.08
N SER A 69 -9.77 -4.29 25.11
CA SER A 69 -9.59 -5.01 26.35
C SER A 69 -8.24 -5.71 26.36
N GLY A 70 -7.83 -6.11 27.56
CA GLY A 70 -6.61 -6.85 27.75
C GLY A 70 -5.73 -6.22 28.80
N SER A 71 -4.71 -6.96 29.16
CA SER A 71 -3.68 -6.51 30.08
C SER A 71 -2.49 -7.45 29.93
N GLY A 72 -1.35 -7.01 30.46
CA GLY A 72 -0.17 -7.84 30.44
C GLY A 72 0.44 -7.91 29.06
N THR A 73 0.28 -9.05 28.40
CA THR A 73 0.78 -9.22 27.04
C THR A 73 -0.30 -9.46 26.00
N ASP A 74 -1.57 -9.51 26.36
CA ASP A 74 -2.58 -9.99 25.42
C ASP A 74 -3.72 -8.98 25.36
N PHE A 75 -4.01 -8.46 24.15
CA PHE A 75 -4.92 -7.34 23.95
C PHE A 75 -5.80 -7.57 22.72
N SER A 76 -7.01 -7.02 22.76
CA SER A 76 -7.88 -7.07 21.59
C SER A 76 -8.60 -5.75 21.40
N LEU A 77 -8.81 -5.42 20.14
CA LEU A 77 -9.70 -4.36 19.69
C LEU A 77 -10.92 -5.04 19.09
N ASN A 78 -12.09 -4.61 19.53
CA ASN A 78 -13.33 -5.19 19.06
C ASN A 78 -14.19 -4.11 18.43
N ILE A 79 -14.74 -4.40 17.25
CA ILE A 79 -15.59 -3.48 16.53
C ILE A 79 -16.91 -4.20 16.31
N HIS A 80 -17.98 -3.73 16.96
CA HIS A 80 -19.28 -4.42 16.87
C HIS A 80 -20.46 -3.48 17.08
N PRO A 81 -21.40 -3.41 16.14
CA PRO A 81 -21.44 -4.09 14.85
C PRO A 81 -20.59 -3.34 13.82
N MET A 82 -19.84 -4.09 13.00
CA MET A 82 -19.05 -3.45 11.96
C MET A 82 -19.93 -2.70 10.98
N GLU A 83 -19.47 -1.50 10.61
CA GLU A 83 -20.08 -0.69 9.57
C GLU A 83 -19.13 -0.53 8.38
N GLU A 84 -19.70 -0.10 7.24
CA GLU A 84 -18.89 -0.07 6.04
C GLU A 84 -17.73 0.92 6.13
N ASP A 85 -17.87 1.99 6.90
CA ASP A 85 -16.70 2.88 6.95
C ASP A 85 -15.63 2.42 7.95
N ASP A 86 -15.79 1.22 8.54
CA ASP A 86 -14.74 0.64 9.38
C ASP A 86 -13.67 -0.07 8.59
N THR A 87 -13.82 -0.23 7.27
CA THR A 87 -12.75 -0.83 6.49
C THR A 87 -11.57 0.12 6.51
N ALA A 88 -10.41 -0.37 6.94
CA ALA A 88 -9.26 0.48 7.20
C ALA A 88 -8.11 -0.41 7.66
N MET A 89 -6.91 0.17 7.82
CA MET A 89 -5.84 -0.47 8.57
C MET A 89 -6.03 -0.18 10.06
N TYR A 90 -5.67 -1.15 10.89
CA TYR A 90 -5.62 -0.96 12.34
C TYR A 90 -4.26 -1.37 12.89
N PHE A 91 -3.76 -0.64 13.90
CA PHE A 91 -2.47 -0.95 14.48
C PHE A 91 -2.54 -0.86 16.00
N CYS A 92 -1.94 -1.83 16.70
CA CYS A 92 -1.68 -1.63 18.12
CA CYS A 92 -1.68 -1.63 18.12
C CYS A 92 -0.30 -0.97 18.28
N GLN A 93 -0.13 -0.30 19.41
CA GLN A 93 1.12 0.41 19.69
C GLN A 93 1.29 0.45 21.19
N GLN A 94 2.46 0.02 21.67
CA GLN A 94 2.75 0.10 23.10
C GLN A 94 3.37 1.44 23.47
N SER A 95 2.83 2.03 24.53
CA SER A 95 3.35 3.31 25.03
C SER A 95 3.98 3.17 26.42
N LYS A 96 4.43 1.98 26.76
CA LYS A 96 5.01 1.73 28.08
C LYS A 96 6.44 2.27 28.19
N GLU A 97 7.27 2.05 27.17
CA GLU A 97 8.63 2.58 27.20
C GLU A 97 9.17 2.70 25.78
N VAL A 98 10.04 3.68 25.62
CA VAL A 98 10.77 3.87 24.37
C VAL A 98 11.75 2.71 24.22
N PRO A 99 11.98 2.17 23.01
CA PRO A 99 11.42 2.66 21.74
C PRO A 99 9.93 2.28 21.58
N TRP A 100 9.13 3.26 21.16
CA TRP A 100 7.71 3.01 20.94
C TRP A 100 7.59 2.06 19.77
N THR A 101 6.77 1.01 19.93
CA THR A 101 6.68 -0.04 18.92
C THR A 101 5.24 -0.28 18.52
N PHE A 102 5.06 -0.79 17.29
CA PHE A 102 3.75 -0.99 16.67
C PHE A 102 3.59 -2.44 16.24
N GLY A 103 2.36 -2.94 16.34
CA GLY A 103 2.03 -4.18 15.65
C GLY A 103 2.18 -4.03 14.14
N GLY A 104 2.20 -5.17 13.45
CA GLY A 104 2.36 -5.13 12.00
C GLY A 104 1.14 -4.66 11.21
N GLY A 105 -0.01 -4.53 11.87
CA GLY A 105 -1.17 -3.98 11.19
C GLY A 105 -2.14 -5.07 10.79
N THR A 106 -3.43 -4.69 10.77
CA THR A 106 -4.50 -5.53 10.27
C THR A 106 -5.31 -4.75 9.25
N LYS A 107 -5.49 -5.32 8.06
CA LYS A 107 -6.35 -4.71 7.05
C LYS A 107 -7.74 -5.33 7.20
N LEU A 108 -8.71 -4.52 7.63
CA LEU A 108 -10.08 -5.00 7.84
C LEU A 108 -10.89 -4.71 6.60
N GLU A 109 -11.49 -5.75 6.04
CA GLU A 109 -12.26 -5.66 4.81
C GLU A 109 -13.65 -6.26 5.03
N ILE A 110 -14.53 -6.06 4.05
CA ILE A 110 -15.90 -6.54 4.12
C ILE A 110 -15.97 -7.95 3.54
N LYS A 111 -16.54 -8.87 4.30
CA LYS A 111 -16.75 -10.22 3.82
C LYS A 111 -18.02 -10.25 2.98
N ARG A 112 -17.94 -10.90 1.82
CA ARG A 112 -19.09 -11.08 0.95
C ARG A 112 -19.07 -12.52 0.44
N THR A 113 -20.05 -12.86 -0.40
CA THR A 113 -20.09 -14.22 -0.90
C THR A 113 -18.96 -14.46 -1.90
N VAL A 114 -18.65 -15.74 -2.10
CA VAL A 114 -17.64 -16.12 -3.07
C VAL A 114 -18.02 -15.64 -4.48
N ALA A 115 -17.02 -15.17 -5.22
CA ALA A 115 -17.16 -14.78 -6.61
C ALA A 115 -15.92 -15.24 -7.35
N ALA A 116 -16.10 -16.04 -8.40
CA ALA A 116 -14.96 -16.54 -9.13
C ALA A 116 -14.37 -15.46 -10.04
N PRO A 117 -13.06 -15.48 -10.22
CA PRO A 117 -12.46 -14.54 -11.16
C PRO A 117 -12.74 -14.94 -12.61
N SER A 118 -12.88 -13.92 -13.46
CA SER A 118 -12.69 -14.07 -14.89
C SER A 118 -11.20 -13.90 -15.18
N VAL A 119 -10.63 -14.79 -15.98
CA VAL A 119 -9.20 -14.84 -16.21
C VAL A 119 -8.88 -14.48 -17.66
N PHE A 120 -7.91 -13.60 -17.84
CA PHE A 120 -7.42 -13.20 -19.15
C PHE A 120 -5.90 -13.22 -19.19
N ILE A 121 -5.34 -13.51 -20.36
CA ILE A 121 -3.90 -13.50 -20.56
C ILE A 121 -3.55 -12.59 -21.73
N PHE A 122 -2.47 -11.82 -21.58
CA PHE A 122 -2.04 -10.85 -22.58
C PHE A 122 -0.59 -11.13 -22.94
N PRO A 123 -0.29 -11.43 -24.20
CA PRO A 123 1.10 -11.54 -24.64
C PRO A 123 1.77 -10.18 -24.65
N PRO A 124 3.10 -10.13 -24.65
CA PRO A 124 3.79 -8.84 -24.79
C PRO A 124 3.52 -8.23 -26.15
N SER A 125 3.50 -6.90 -26.17
CA SER A 125 3.28 -6.15 -27.40
C SER A 125 4.52 -6.24 -28.28
N ASP A 126 4.29 -6.15 -29.60
CA ASP A 126 5.40 -6.07 -30.53
C ASP A 126 6.30 -4.88 -30.23
N GLU A 127 5.70 -3.76 -29.84
CA GLU A 127 6.48 -2.58 -29.47
C GLU A 127 7.43 -2.87 -28.30
N GLN A 128 6.97 -3.55 -27.26
CA GLN A 128 7.85 -3.79 -26.12
C GLN A 128 8.95 -4.78 -26.47
N LEU A 129 8.63 -5.80 -27.26
CA LEU A 129 9.60 -6.83 -27.60
C LEU A 129 10.83 -6.24 -28.27
N LYS A 130 10.63 -5.32 -29.22
CA LYS A 130 11.79 -4.72 -29.88
C LYS A 130 12.65 -3.94 -28.91
N SER A 131 12.10 -3.50 -27.78
CA SER A 131 12.87 -2.82 -26.75
C SER A 131 13.74 -3.76 -25.92
N GLY A 132 13.57 -5.08 -26.07
CA GLY A 132 14.45 -6.03 -25.41
C GLY A 132 13.87 -6.74 -24.21
N THR A 133 12.64 -6.44 -23.84
CA THR A 133 11.99 -7.06 -22.69
C THR A 133 10.58 -7.51 -23.07
N ALA A 134 10.09 -8.55 -22.38
CA ALA A 134 8.76 -9.08 -22.64
C ALA A 134 8.00 -9.15 -21.32
N SER A 135 6.83 -8.53 -21.27
CA SER A 135 5.96 -8.62 -20.11
C SER A 135 4.74 -9.42 -20.51
N VAL A 136 4.46 -10.49 -19.77
CA VAL A 136 3.25 -11.28 -19.97
C VAL A 136 2.36 -11.05 -18.76
N VAL A 137 1.09 -10.72 -19.02
CA VAL A 137 0.18 -10.29 -17.97
C VAL A 137 -0.97 -11.29 -17.88
N CYS A 138 -1.23 -11.75 -16.67
CA CYS A 138 -2.41 -12.54 -16.36
C CYS A 138 -3.30 -11.71 -15.45
N LEU A 139 -4.57 -11.57 -15.81
CA LEU A 139 -5.53 -10.75 -15.08
C LEU A 139 -6.63 -11.62 -14.50
N LEU A 140 -6.90 -11.46 -13.21
CA LEU A 140 -8.02 -12.08 -12.51
C LEU A 140 -8.99 -10.97 -12.14
N ASN A 141 -10.19 -10.97 -12.70
CA ASN A 141 -11.11 -9.86 -12.54
C ASN A 141 -12.28 -10.19 -11.63
N ASN A 142 -12.52 -9.32 -10.64
CA ASN A 142 -13.75 -9.24 -9.85
C ASN A 142 -14.04 -10.54 -9.11
N PHE A 143 -13.13 -10.90 -8.20
CA PHE A 143 -13.25 -12.12 -7.44
C PHE A 143 -13.28 -11.87 -5.94
N TYR A 144 -13.77 -12.89 -5.20
CA TYR A 144 -13.77 -12.81 -3.74
C TYR A 144 -13.78 -14.24 -3.23
N PRO A 145 -13.00 -14.61 -2.22
CA PRO A 145 -12.07 -13.75 -1.43
C PRO A 145 -10.77 -13.52 -2.15
N ARG A 146 -9.88 -12.79 -1.47
CA ARG A 146 -8.65 -12.35 -2.10
C ARG A 146 -7.69 -13.50 -2.38
N GLU A 147 -7.76 -14.59 -1.62
CA GLU A 147 -6.77 -15.64 -1.78
C GLU A 147 -6.94 -16.28 -3.14
N ALA A 148 -5.83 -16.40 -3.87
CA ALA A 148 -5.80 -17.06 -5.17
C ALA A 148 -4.36 -17.47 -5.41
N LYS A 149 -4.18 -18.57 -6.11
CA LYS A 149 -2.87 -19.05 -6.51
C LYS A 149 -2.79 -18.86 -8.01
N VAL A 150 -1.76 -18.14 -8.47
CA VAL A 150 -1.55 -17.84 -9.87
C VAL A 150 -0.17 -18.35 -10.25
N GLN A 151 -0.13 -19.34 -11.14
CA GLN A 151 1.11 -20.06 -11.45
C GLN A 151 1.43 -19.89 -12.91
N TRP A 152 2.62 -19.39 -13.22
CA TRP A 152 3.08 -19.26 -14.59
C TRP A 152 3.82 -20.51 -15.02
N LYS A 153 3.58 -20.93 -16.26
CA LYS A 153 4.28 -22.06 -16.84
C LYS A 153 4.69 -21.71 -18.25
N VAL A 154 5.92 -22.06 -18.61
CA VAL A 154 6.47 -21.73 -19.91
C VAL A 154 6.96 -23.06 -20.48
N ASP A 155 6.31 -23.53 -21.54
CA ASP A 155 6.52 -24.88 -22.05
C ASP A 155 6.52 -25.90 -20.92
N ASN A 156 5.54 -25.78 -20.05
CA ASN A 156 5.27 -26.65 -18.90
C ASN A 156 6.22 -26.48 -17.72
N ALA A 157 7.23 -25.62 -17.82
CA ALA A 157 8.14 -25.37 -16.70
C ALA A 157 7.54 -24.34 -15.76
N LEU A 158 7.36 -24.72 -14.49
CA LEU A 158 6.77 -23.87 -13.47
C LEU A 158 7.72 -22.71 -13.16
N GLN A 159 7.26 -21.48 -13.37
CA GLN A 159 8.11 -20.30 -13.15
C GLN A 159 8.11 -19.89 -11.67
N SER A 160 9.25 -19.38 -11.21
CA SER A 160 9.30 -18.81 -9.87
C SER A 160 10.35 -17.70 -9.86
N GLY A 161 10.04 -16.62 -9.15
CA GLY A 161 10.98 -15.53 -8.98
C GLY A 161 10.93 -14.45 -10.02
N ASN A 162 10.24 -14.66 -11.16
CA ASN A 162 10.23 -13.71 -12.26
C ASN A 162 8.83 -13.13 -12.53
N SER A 163 7.96 -13.17 -11.53
CA SER A 163 6.64 -12.57 -11.64
C SER A 163 6.33 -11.77 -10.39
N GLN A 164 5.48 -10.76 -10.57
CA GLN A 164 5.02 -9.92 -9.48
C GLN A 164 3.50 -9.77 -9.56
N GLU A 165 2.86 -9.81 -8.41
CA GLU A 165 1.41 -9.65 -8.29
C GLU A 165 1.06 -8.28 -7.72
N SER A 166 -0.07 -7.76 -8.16
CA SER A 166 -0.66 -6.53 -7.62
C SER A 166 -2.16 -6.71 -7.51
N VAL A 167 -2.76 -6.16 -6.47
CA VAL A 167 -4.18 -6.35 -6.18
C VAL A 167 -4.80 -4.99 -5.93
N THR A 168 -6.01 -4.78 -6.45
CA THR A 168 -6.78 -3.58 -6.21
C THR A 168 -7.32 -3.56 -4.79
N GLU A 169 -7.72 -2.38 -4.36
CA GLU A 169 -8.51 -2.28 -3.15
C GLU A 169 -9.88 -2.83 -3.41
N GLN A 170 -10.53 -3.25 -2.32
CA GLN A 170 -11.86 -3.81 -2.44
C GLN A 170 -12.80 -2.82 -3.13
N ASP A 171 -13.58 -3.30 -4.11
CA ASP A 171 -14.46 -2.42 -4.85
C ASP A 171 -15.55 -1.86 -3.94
N SER A 172 -15.84 -0.56 -4.09
CA SER A 172 -16.77 0.11 -3.18
C SER A 172 -18.20 -0.37 -3.37
N LYS A 173 -18.53 -0.87 -4.55
CA LYS A 173 -19.90 -1.30 -4.84
C LYS A 173 -20.12 -2.80 -4.75
N ASP A 174 -19.20 -3.62 -5.23
CA ASP A 174 -19.41 -5.07 -5.19
C ASP A 174 -18.45 -5.81 -4.26
N SER A 175 -17.54 -5.12 -3.57
CA SER A 175 -16.67 -5.75 -2.56
C SER A 175 -15.73 -6.81 -3.13
N THR A 176 -15.50 -6.84 -4.45
CA THR A 176 -14.56 -7.78 -5.04
C THR A 176 -13.17 -7.16 -5.22
N TYR A 177 -12.23 -8.01 -5.60
CA TYR A 177 -10.86 -7.66 -5.90
C TYR A 177 -10.56 -7.99 -7.35
N SER A 178 -9.55 -7.34 -7.91
CA SER A 178 -8.92 -7.78 -9.15
C SER A 178 -7.42 -7.88 -8.93
N LEU A 179 -6.75 -8.70 -9.72
CA LEU A 179 -5.35 -9.00 -9.47
C LEU A 179 -4.64 -9.13 -10.79
N SER A 180 -3.45 -8.57 -10.88
CA SER A 180 -2.57 -8.82 -12.01
C SER A 180 -1.36 -9.62 -11.57
N SER A 181 -0.96 -10.57 -12.41
CA SER A 181 0.33 -11.22 -12.28
C SER A 181 1.10 -10.95 -13.56
N THR A 182 2.30 -10.41 -13.40
CA THR A 182 3.10 -10.02 -14.56
C THR A 182 4.40 -10.80 -14.53
N LEU A 183 4.65 -11.57 -15.60
CA LEU A 183 5.85 -12.34 -15.82
C LEU A 183 6.79 -11.53 -16.70
N THR A 184 8.02 -11.31 -16.23
CA THR A 184 9.00 -10.52 -16.96
C THR A 184 10.15 -11.42 -17.42
N LEU A 185 10.40 -11.42 -18.73
CA LEU A 185 11.47 -12.19 -19.32
C LEU A 185 12.26 -11.28 -20.25
N SER A 186 13.51 -11.67 -20.51
CA SER A 186 14.23 -11.04 -21.61
C SER A 186 13.55 -11.40 -22.93
N LYS A 187 13.66 -10.49 -23.91
CA LYS A 187 13.23 -10.80 -25.28
C LYS A 187 13.79 -12.14 -25.73
N ALA A 188 15.05 -12.42 -25.36
CA ALA A 188 15.71 -13.64 -25.79
C ALA A 188 15.08 -14.87 -25.14
N ASP A 189 14.90 -14.83 -23.82
CA ASP A 189 14.27 -15.94 -23.12
C ASP A 189 12.83 -16.13 -23.57
N TYR A 190 12.15 -15.03 -23.91
CA TYR A 190 10.76 -15.14 -24.36
C TYR A 190 10.67 -15.83 -25.70
N GLU A 191 11.59 -15.52 -26.61
CA GLU A 191 11.57 -16.16 -27.91
C GLU A 191 12.12 -17.58 -27.89
N LYS A 192 12.64 -18.05 -26.76
CA LYS A 192 13.08 -19.44 -26.65
C LYS A 192 11.93 -20.42 -26.52
N HIS A 193 10.75 -19.97 -26.10
CA HIS A 193 9.67 -20.87 -25.72
C HIS A 193 8.41 -20.59 -26.54
N LYS A 194 7.51 -21.57 -26.51
CA LYS A 194 6.33 -21.52 -27.35
C LYS A 194 5.06 -21.24 -26.56
N VAL A 195 4.80 -22.00 -25.51
CA VAL A 195 3.50 -21.96 -24.84
C VAL A 195 3.65 -21.22 -23.52
N TYR A 196 2.87 -20.15 -23.36
CA TYR A 196 2.83 -19.37 -22.13
C TYR A 196 1.46 -19.59 -21.49
N ALA A 197 1.46 -20.02 -20.23
CA ALA A 197 0.25 -20.38 -19.54
C ALA A 197 0.21 -19.80 -18.14
N CYS A 198 -0.98 -19.34 -17.74
CA CYS A 198 -1.28 -18.85 -16.41
C CYS A 198 -2.37 -19.75 -15.85
N GLU A 199 -2.08 -20.43 -14.73
CA GLU A 199 -3.05 -21.28 -14.06
C GLU A 199 -3.53 -20.65 -12.76
N VAL A 200 -4.85 -20.56 -12.60
CA VAL A 200 -5.50 -19.83 -11.52
C VAL A 200 -6.32 -20.80 -10.67
N THR A 201 -6.05 -20.83 -9.36
CA THR A 201 -6.80 -21.62 -8.40
C THR A 201 -7.50 -20.63 -7.51
N HIS A 202 -8.80 -20.81 -7.33
CA HIS A 202 -9.60 -19.91 -6.51
C HIS A 202 -10.84 -20.66 -6.06
N GLN A 203 -11.32 -20.33 -4.85
CA GLN A 203 -12.43 -21.02 -4.23
C GLN A 203 -13.70 -20.98 -5.08
N GLY A 204 -13.87 -19.94 -5.89
CA GLY A 204 -15.03 -19.82 -6.75
C GLY A 204 -14.99 -20.69 -7.98
N LEU A 205 -13.84 -21.30 -8.28
CA LEU A 205 -13.69 -22.15 -9.47
C LEU A 205 -13.76 -23.61 -9.05
N SER A 206 -14.65 -24.38 -9.68
CA SER A 206 -14.69 -25.81 -9.37
C SER A 206 -13.45 -26.54 -9.86
N SER A 207 -12.74 -25.98 -10.82
CA SER A 207 -11.57 -26.58 -11.40
C SER A 207 -10.68 -25.40 -11.76
N PRO A 208 -9.42 -25.41 -11.30
CA PRO A 208 -8.52 -24.30 -11.65
C PRO A 208 -8.49 -24.05 -13.16
N VAL A 209 -8.39 -22.79 -13.54
CA VAL A 209 -8.53 -22.33 -14.92
C VAL A 209 -7.15 -22.04 -15.48
N THR A 210 -6.84 -22.55 -16.67
CA THR A 210 -5.61 -22.17 -17.39
C THR A 210 -5.97 -21.32 -18.58
N LYS A 211 -5.31 -20.17 -18.71
CA LYS A 211 -5.33 -19.39 -19.94
C LYS A 211 -3.94 -19.46 -20.54
N SER A 212 -3.86 -19.68 -21.85
CA SER A 212 -2.56 -19.88 -22.46
C SER A 212 -2.56 -19.32 -23.88
N PHE A 213 -1.36 -19.12 -24.42
CA PHE A 213 -1.24 -18.75 -25.83
C PHE A 213 0.05 -19.34 -26.38
N ASN A 214 0.07 -19.53 -27.69
CA ASN A 214 1.30 -19.85 -28.40
C ASN A 214 1.92 -18.55 -28.87
N ARG A 215 3.19 -18.36 -28.52
CA ARG A 215 3.93 -17.16 -28.88
C ARG A 215 3.81 -16.84 -30.36
N GLY A 216 3.35 -15.63 -30.65
CA GLY A 216 3.25 -15.14 -32.01
C GLY A 216 2.00 -15.48 -32.78
N GLU A 217 0.91 -15.87 -32.12
CA GLU A 217 -0.25 -16.44 -32.81
C GLU A 217 -1.47 -15.54 -32.81
N CYS A 218 -1.29 -14.25 -33.14
CA CYS A 218 -2.41 -13.33 -33.32
C CYS A 218 -3.40 -13.30 -32.14
N GLU B 1 -7.55 25.23 17.92
CA GLU B 1 -7.44 23.90 17.34
C GLU B 1 -5.97 23.51 17.18
N VAL B 2 -5.64 22.27 17.49
CA VAL B 2 -4.28 21.78 17.38
C VAL B 2 -4.05 21.24 15.97
N LYS B 3 -2.90 21.58 15.41
CA LYS B 3 -2.50 21.08 14.11
C LYS B 3 -0.98 20.89 14.10
N LEU B 4 -0.54 19.79 13.49
CA LEU B 4 0.87 19.57 13.17
C LEU B 4 1.01 19.54 11.66
N GLU B 5 2.06 20.18 11.15
CA GLU B 5 2.26 20.32 9.71
C GLU B 5 3.70 19.98 9.34
N GLU B 6 3.89 18.88 8.60
CA GLU B 6 5.20 18.43 8.16
C GLU B 6 5.53 19.01 6.80
N SER B 7 6.82 19.21 6.56
CA SER B 7 7.31 19.63 5.25
C SER B 7 8.76 19.17 5.09
N GLY B 8 9.26 19.24 3.86
CA GLY B 8 10.64 18.94 3.56
C GLY B 8 10.90 17.65 2.81
N GLY B 9 9.89 16.82 2.59
CA GLY B 9 10.11 15.60 1.85
C GLY B 9 10.48 15.85 0.39
N GLY B 10 10.81 14.77 -0.30
CA GLY B 10 11.10 14.85 -1.72
C GLY B 10 11.99 13.71 -2.15
N LEU B 11 12.56 13.87 -3.34
CA LEU B 11 13.46 12.90 -3.91
C LEU B 11 14.88 13.15 -3.43
N VAL B 12 15.62 12.07 -3.22
CA VAL B 12 17.04 12.19 -2.88
C VAL B 12 17.74 10.88 -3.23
N GLN B 13 19.03 10.98 -3.54
CA GLN B 13 19.82 9.81 -3.88
C GLN B 13 20.42 9.17 -2.65
N PRO B 14 20.73 7.88 -2.70
CA PRO B 14 21.34 7.23 -1.55
C PRO B 14 22.63 7.94 -1.19
N GLY B 15 22.86 8.11 0.11
CA GLY B 15 23.99 8.88 0.59
C GLY B 15 23.70 10.35 0.83
N GLY B 16 22.59 10.85 0.29
CA GLY B 16 22.23 12.24 0.42
C GLY B 16 21.58 12.56 1.74
N SER B 17 21.17 13.84 1.86
CA SER B 17 20.58 14.38 3.07
C SER B 17 19.28 15.13 2.74
N MET B 18 18.40 15.18 3.73
CA MET B 18 17.18 15.99 3.68
C MET B 18 16.85 16.36 5.11
N LYS B 19 16.23 17.53 5.30
CA LYS B 19 15.74 17.94 6.61
C LYS B 19 14.23 18.09 6.57
N LEU B 20 13.54 17.40 7.48
CA LEU B 20 12.11 17.60 7.63
C LEU B 20 11.83 18.57 8.77
N SER B 21 10.73 19.29 8.64
CA SER B 21 10.31 20.24 9.64
C SER B 21 8.87 19.95 10.00
N CYS B 22 8.52 20.19 11.25
CA CYS B 22 7.16 20.03 11.72
C CYS B 22 6.80 21.24 12.58
N VAL B 23 5.75 21.97 12.20
CA VAL B 23 5.27 23.12 12.96
C VAL B 23 3.94 22.77 13.63
N ALA B 24 3.86 23.08 14.92
CA ALA B 24 2.67 22.83 15.71
C ALA B 24 1.94 24.15 15.96
N SER B 25 0.62 24.10 15.87
CA SER B 25 -0.20 25.26 16.18
C SER B 25 -1.30 24.86 17.15
N GLY B 26 -1.64 25.79 18.04
CA GLY B 26 -2.71 25.58 18.99
C GLY B 26 -2.36 24.75 20.21
N ILE B 27 -1.07 24.52 20.46
CA ILE B 27 -0.66 23.68 21.57
C ILE B 27 0.50 24.36 22.28
N THR B 28 0.66 24.05 23.58
CA THR B 28 1.82 24.55 24.30
C THR B 28 2.98 23.61 23.98
N PHE B 29 3.66 23.93 22.88
CA PHE B 29 4.60 23.00 22.28
C PHE B 29 5.73 22.66 23.24
N SER B 30 6.18 23.63 24.03
CA SER B 30 7.29 23.36 24.93
C SER B 30 6.99 22.29 25.97
N ASN B 31 5.71 21.93 26.17
CA ASN B 31 5.34 20.90 27.13
C ASN B 31 5.12 19.53 26.50
N SER B 32 5.39 19.38 25.20
CA SER B 32 5.03 18.17 24.46
C SER B 32 6.28 17.40 24.03
N TRP B 33 6.33 16.10 24.38
CA TRP B 33 7.30 15.21 23.73
C TRP B 33 6.94 15.09 22.26
N MET B 34 7.92 15.17 21.39
CA MET B 34 7.64 15.09 19.96
C MET B 34 8.36 13.89 19.35
N SER B 35 7.65 13.16 18.48
CA SER B 35 8.26 12.04 17.76
C SER B 35 8.03 12.16 16.27
N TRP B 36 8.93 11.56 15.50
CA TRP B 36 8.71 11.27 14.09
C TRP B 36 8.43 9.78 13.97
N VAL B 37 7.42 9.45 13.16
CA VAL B 37 7.04 8.09 12.84
C VAL B 37 6.92 8.00 11.33
N ARG B 38 7.45 6.95 10.73
CA ARG B 38 7.36 6.79 9.28
C ARG B 38 6.53 5.56 8.90
N GLN B 39 6.06 5.58 7.66
CA GLN B 39 5.20 4.52 7.15
C GLN B 39 5.76 4.06 5.82
N SER B 40 6.05 2.77 5.73
CA SER B 40 6.70 2.24 4.55
C SER B 40 5.73 2.23 3.38
N PRO B 41 6.26 2.10 2.14
CA PRO B 41 5.37 1.85 1.00
C PRO B 41 4.48 0.64 1.25
N GLU B 42 4.94 -0.26 2.12
CA GLU B 42 4.18 -1.41 2.56
C GLU B 42 3.04 -1.04 3.50
N LYS B 43 2.98 0.22 3.97
CA LYS B 43 1.90 0.76 4.81
C LYS B 43 2.00 0.39 6.28
N GLY B 44 3.19 -0.01 6.79
CA GLY B 44 3.41 -0.24 8.20
C GLY B 44 4.03 0.97 8.92
N LEU B 45 3.84 1.03 10.24
CA LEU B 45 4.28 2.18 11.04
C LEU B 45 5.54 1.83 11.82
N GLU B 46 6.51 2.76 11.80
CA GLU B 46 7.80 2.58 12.47
C GLU B 46 8.20 3.88 13.15
N TRP B 47 8.35 3.85 14.46
CA TRP B 47 8.82 5.03 15.18
C TRP B 47 10.29 5.27 14.86
N VAL B 48 10.65 6.55 14.68
CA VAL B 48 11.98 6.96 14.19
C VAL B 48 12.81 7.64 15.28
N ALA B 49 12.24 8.63 15.95
CA ALA B 49 13.03 9.48 16.87
C ALA B 49 12.07 10.26 17.75
N GLU B 50 12.54 10.58 18.96
CA GLU B 50 11.77 11.36 19.92
C GLU B 50 12.68 12.39 20.55
N ILE B 51 12.11 13.55 20.87
CA ILE B 51 12.80 14.54 21.71
C ILE B 51 11.88 14.96 22.85
N ARG B 52 12.46 15.02 24.05
CA ARG B 52 11.71 15.35 25.25
C ARG B 52 11.86 16.84 25.58
N LEU B 53 11.62 17.22 26.85
CA LEU B 53 11.44 18.61 27.22
C LEU B 53 12.73 19.20 27.78
N LYS B 54 12.76 20.54 27.88
CA LYS B 54 13.91 21.20 28.49
C LYS B 54 14.14 20.68 29.91
N ALA B 55 13.07 20.46 30.67
CA ALA B 55 13.22 19.93 32.02
C ALA B 55 13.85 18.54 32.03
N GLN B 56 13.69 17.76 30.95
CA GLN B 56 14.37 16.47 30.80
C GLN B 56 15.67 16.59 30.03
N ASN B 57 16.24 17.79 29.99
CA ASN B 57 17.49 18.04 29.30
C ASN B 57 17.41 17.67 27.82
N TYR B 58 16.23 17.87 27.25
CA TYR B 58 15.98 17.65 25.82
C TYR B 58 16.42 16.25 25.40
N ALA B 59 16.17 15.25 26.27
CA ALA B 59 16.60 13.88 25.99
C ALA B 59 16.06 13.41 24.64
N THR B 60 16.96 12.83 23.83
CA THR B 60 16.56 12.29 22.52
C THR B 60 16.70 10.78 22.47
N HIS B 61 15.84 10.15 21.64
CA HIS B 61 15.94 8.71 21.42
C HIS B 61 15.77 8.43 19.93
N TYR B 62 16.47 7.40 19.45
CA TYR B 62 16.45 7.01 18.03
C TYR B 62 16.22 5.52 17.87
N ALA B 63 15.48 5.19 16.81
CA ALA B 63 15.40 3.79 16.41
C ALA B 63 16.78 3.33 15.96
N ALA B 64 17.10 2.06 16.23
CA ALA B 64 18.43 1.58 15.86
C ALA B 64 18.67 1.73 14.36
N SER B 65 17.61 1.64 13.55
CA SER B 65 17.77 1.75 12.09
C SER B 65 18.34 3.12 11.66
N VAL B 66 18.19 4.15 12.49
CA VAL B 66 18.52 5.52 12.09
C VAL B 66 19.57 6.16 12.97
N LYS B 67 19.92 5.50 14.09
CA LYS B 67 20.94 6.03 14.98
C LYS B 67 22.23 6.32 14.21
N GLY B 68 22.76 7.52 14.44
CA GLY B 68 23.96 7.97 13.74
C GLY B 68 23.77 8.53 12.35
N ARG B 69 22.54 8.49 11.81
CA ARG B 69 22.25 9.10 10.53
C ARG B 69 21.22 10.22 10.64
N PHE B 70 20.29 10.11 11.58
CA PHE B 70 19.27 11.11 11.79
C PHE B 70 19.50 11.86 13.09
N THR B 71 19.05 13.12 13.13
CA THR B 71 19.14 13.98 14.31
C THR B 71 17.83 14.70 14.48
N ILE B 72 17.20 14.51 15.61
CA ILE B 72 15.97 15.21 15.94
C ILE B 72 16.35 16.39 16.85
N SER B 73 15.69 17.53 16.63
CA SER B 73 15.89 18.72 17.45
C SER B 73 14.59 19.51 17.47
N ARG B 74 14.52 20.50 18.36
CA ARG B 74 13.32 21.30 18.50
C ARG B 74 13.71 22.75 18.71
N ASP B 75 12.75 23.63 18.44
CA ASP B 75 12.91 25.06 18.70
C ASP B 75 11.57 25.44 19.33
N ASP B 76 11.54 25.45 20.67
CA ASP B 76 10.30 25.73 21.37
C ASP B 76 9.76 27.11 21.03
N SER B 77 10.66 28.06 20.74
CA SER B 77 10.20 29.42 20.42
C SER B 77 9.40 29.45 19.13
N LYS B 78 9.68 28.54 18.18
CA LYS B 78 8.94 28.47 16.93
C LYS B 78 7.98 27.28 16.88
N SER B 79 7.74 26.63 18.02
CA SER B 79 6.82 25.49 18.11
C SER B 79 7.10 24.45 17.02
N SER B 80 8.38 24.14 16.81
CA SER B 80 8.81 23.30 15.69
C SER B 80 9.77 22.20 16.14
N VAL B 81 9.65 21.04 15.49
CA VAL B 81 10.59 19.93 15.64
C VAL B 81 11.10 19.57 14.26
N TYR B 82 12.35 19.11 14.19
CA TYR B 82 13.06 18.91 12.93
C TYR B 82 13.68 17.52 12.95
N LEU B 83 13.86 16.96 11.75
CA LEU B 83 14.55 15.68 11.59
C LEU B 83 15.58 15.86 10.49
N GLN B 84 16.85 15.99 10.87
CA GLN B 84 17.91 16.04 9.88
C GLN B 84 18.30 14.62 9.52
N MET B 85 18.22 14.28 8.24
CA MET B 85 18.49 12.91 7.81
C MET B 85 19.70 12.92 6.90
N ASN B 86 20.77 12.25 7.32
CA ASN B 86 21.99 12.11 6.54
C ASN B 86 22.21 10.66 6.13
N ASN B 87 23.10 10.47 5.16
CA ASN B 87 23.43 9.15 4.65
C ASN B 87 22.17 8.31 4.37
N LEU B 88 21.26 8.88 3.58
CA LEU B 88 19.99 8.20 3.35
C LEU B 88 20.14 6.93 2.52
N ARG B 89 19.21 6.01 2.75
CA ARG B 89 19.19 4.68 2.16
C ARG B 89 17.82 4.42 1.54
N PRO B 90 17.75 3.57 0.52
CA PRO B 90 16.45 3.26 -0.10
C PRO B 90 15.40 2.88 0.93
N GLU B 91 15.80 2.14 1.96
CA GLU B 91 14.81 1.68 2.94
C GLU B 91 14.27 2.78 3.83
N ASP B 92 14.83 3.99 3.78
CA ASP B 92 14.26 5.15 4.45
C ASP B 92 13.09 5.76 3.71
N THR B 93 12.77 5.26 2.52
CA THR B 93 11.63 5.77 1.75
C THR B 93 10.34 5.57 2.53
N GLY B 94 9.48 6.57 2.51
CA GLY B 94 8.22 6.43 3.20
C GLY B 94 7.58 7.79 3.49
N ILE B 95 6.40 7.73 4.10
CA ILE B 95 5.73 8.93 4.57
C ILE B 95 6.13 9.17 6.01
N TYR B 96 6.62 10.38 6.30
CA TYR B 96 7.08 10.73 7.63
C TYR B 96 6.07 11.62 8.33
N TYR B 97 5.67 11.22 9.54
CA TYR B 97 4.70 11.93 10.35
C TYR B 97 5.36 12.50 11.60
N CYS B 98 4.92 13.68 11.98
CA CYS B 98 5.19 14.28 13.26
C CYS B 98 4.01 13.96 14.16
N THR B 99 4.28 13.59 15.42
CA THR B 99 3.20 13.23 16.33
C THR B 99 3.58 13.55 17.77
N THR B 100 2.55 13.76 18.60
CA THR B 100 2.72 13.94 20.02
C THR B 100 1.47 13.43 20.74
N PRO B 101 1.62 12.77 21.90
CA PRO B 101 2.91 12.50 22.56
C PRO B 101 3.51 11.12 22.29
N LEU B 102 2.68 10.24 21.72
CA LEU B 102 3.03 8.85 21.39
C LEU B 102 3.33 7.94 22.57
N GLY B 103 4.09 8.40 23.56
CA GLY B 103 4.45 7.59 24.70
C GLY B 103 3.72 7.97 25.97
N GLY B 104 3.68 7.05 26.92
CA GLY B 104 3.04 7.32 28.20
C GLY B 104 1.52 7.26 28.13
N TYR B 105 0.90 7.87 29.13
CA TYR B 105 -0.55 7.87 29.25
C TYR B 105 -1.11 9.13 28.60
N PHE B 106 -1.99 8.96 27.62
CA PHE B 106 -2.63 10.11 27.01
C PHE B 106 -4.01 9.71 26.48
N ASP B 107 -4.97 10.61 26.62
CA ASP B 107 -6.33 10.36 26.13
C ASP B 107 -6.60 10.97 24.77
N MET B 108 -5.61 11.66 24.20
CA MET B 108 -5.73 12.29 22.89
C MET B 108 -4.32 12.51 22.39
N ASP B 109 -4.16 12.48 21.08
CA ASP B 109 -2.88 12.74 20.47
C ASP B 109 -3.11 13.54 19.19
N TYR B 110 -2.00 13.87 18.52
CA TYR B 110 -2.06 14.67 17.32
C TYR B 110 -1.04 14.12 16.33
N TRP B 111 -1.40 14.13 15.06
CA TRP B 111 -0.54 13.69 13.99
C TRP B 111 -0.69 14.66 12.83
N GLY B 112 0.40 14.95 12.13
CA GLY B 112 0.31 15.68 10.88
C GLY B 112 -0.21 14.81 9.74
N GLN B 113 -0.37 15.44 8.58
CA GLN B 113 -0.76 14.70 7.38
C GLN B 113 0.41 13.94 6.76
N GLY B 114 1.63 14.26 7.15
CA GLY B 114 2.80 13.55 6.68
C GLY B 114 3.46 14.24 5.49
N THR B 115 4.75 13.91 5.30
CA THR B 115 5.52 14.35 4.14
C THR B 115 6.29 13.17 3.55
N SER B 116 6.34 13.11 2.22
CA SER B 116 6.86 11.92 1.55
C SER B 116 8.34 12.04 1.23
N LEU B 117 9.07 10.95 1.44
CA LEU B 117 10.49 10.85 1.12
C LEU B 117 10.70 9.64 0.25
N THR B 118 11.46 9.80 -0.84
CA THR B 118 11.80 8.71 -1.75
C THR B 118 13.30 8.75 -1.94
N VAL B 119 13.98 7.69 -1.51
CA VAL B 119 15.44 7.59 -1.62
C VAL B 119 15.73 6.56 -2.72
N SER B 120 16.38 7.00 -3.79
CA SER B 120 16.61 6.11 -4.92
C SER B 120 17.73 6.68 -5.78
N SER B 121 18.46 5.78 -6.44
CA SER B 121 19.42 6.23 -7.44
C SER B 121 18.78 6.51 -8.80
N ALA B 122 17.50 6.20 -8.98
CA ALA B 122 16.84 6.37 -10.25
C ALA B 122 16.66 7.85 -10.59
N SER B 123 16.79 8.17 -11.87
CA SER B 123 16.43 9.49 -12.39
C SER B 123 14.95 9.53 -12.73
N THR B 124 14.35 10.72 -12.57
CA THR B 124 12.98 10.93 -13.00
C THR B 124 12.80 10.56 -14.47
N LYS B 125 11.76 9.78 -14.76
CA LYS B 125 11.57 9.25 -16.10
C LYS B 125 10.10 8.93 -16.29
N GLY B 126 9.51 9.43 -17.35
CA GLY B 126 8.14 9.13 -17.66
C GLY B 126 8.00 7.70 -18.19
N PRO B 127 6.79 7.15 -18.12
CA PRO B 127 6.58 5.75 -18.50
C PRO B 127 6.56 5.48 -20.01
N SER B 128 6.97 4.27 -20.34
CA SER B 128 6.67 3.65 -21.62
C SER B 128 5.32 2.98 -21.47
N VAL B 129 4.46 3.15 -22.47
CA VAL B 129 3.07 2.67 -22.39
C VAL B 129 2.81 1.70 -23.52
N PHE B 130 2.46 0.46 -23.18
CA PHE B 130 2.26 -0.60 -24.15
C PHE B 130 0.85 -1.14 -24.09
N PRO B 131 0.27 -1.57 -25.21
CA PRO B 131 -1.11 -2.04 -25.19
C PRO B 131 -1.19 -3.44 -24.61
N LEU B 132 -2.28 -3.68 -23.89
CA LEU B 132 -2.73 -5.01 -23.50
C LEU B 132 -3.94 -5.26 -24.40
N ALA B 133 -3.67 -5.91 -25.54
CA ALA B 133 -4.68 -5.92 -26.57
C ALA B 133 -5.74 -6.98 -26.28
N PRO B 134 -7.00 -6.67 -26.53
CA PRO B 134 -8.06 -7.67 -26.34
C PRO B 134 -7.77 -8.92 -27.18
N SER B 135 -8.01 -10.10 -26.59
CA SER B 135 -7.66 -11.36 -27.22
C SER B 135 -8.50 -11.58 -28.47
N SER B 136 -7.88 -12.23 -29.46
CA SER B 136 -8.54 -12.64 -30.69
C SER B 136 -9.24 -13.98 -30.56
N LYS B 137 -8.98 -14.71 -29.47
CA LYS B 137 -9.78 -15.88 -29.15
C LYS B 137 -11.04 -15.45 -28.40
N SER B 138 -12.16 -16.08 -28.72
CA SER B 138 -13.45 -15.67 -28.18
C SER B 138 -13.54 -15.96 -26.68
N THR B 139 -14.36 -15.15 -26.00
CA THR B 139 -14.75 -15.37 -24.61
C THR B 139 -16.08 -16.11 -24.58
N SER B 140 -16.24 -16.97 -23.57
CA SER B 140 -17.52 -17.68 -23.42
C SER B 140 -18.69 -16.71 -23.32
N GLY B 141 -18.47 -15.52 -22.70
CA GLY B 141 -19.53 -14.63 -22.27
C GLY B 141 -19.69 -13.27 -22.96
N GLY B 142 -18.83 -12.93 -23.90
CA GLY B 142 -19.04 -11.71 -24.64
C GLY B 142 -18.48 -10.44 -24.01
N THR B 143 -17.75 -10.54 -22.90
CA THR B 143 -16.98 -9.44 -22.34
C THR B 143 -15.52 -9.65 -22.71
N ALA B 144 -14.85 -8.55 -23.08
CA ALA B 144 -13.44 -8.58 -23.42
C ALA B 144 -12.70 -7.64 -22.47
N ALA B 145 -11.50 -8.02 -22.10
CA ALA B 145 -10.62 -7.16 -21.31
C ALA B 145 -9.49 -6.64 -22.17
N LEU B 146 -9.09 -5.38 -21.92
CA LEU B 146 -7.92 -4.82 -22.59
C LEU B 146 -7.32 -3.81 -21.61
N GLY B 147 -6.18 -3.26 -21.96
CA GLY B 147 -5.58 -2.35 -21.00
C GLY B 147 -4.32 -1.72 -21.54
N CYS B 148 -3.59 -1.08 -20.63
CA CYS B 148 -2.29 -0.49 -20.91
C CYS B 148 -1.30 -0.89 -19.82
N LEU B 149 -0.12 -1.33 -20.24
CA LEU B 149 1.00 -1.61 -19.36
C LEU B 149 1.86 -0.35 -19.30
N VAL B 150 1.95 0.22 -18.11
CA VAL B 150 2.60 1.52 -17.87
C VAL B 150 3.90 1.20 -17.16
N LYS B 151 5.01 1.21 -17.91
CA LYS B 151 6.22 0.57 -17.44
C LYS B 151 7.38 1.56 -17.35
N ASP B 152 8.22 1.36 -16.34
CA ASP B 152 9.56 1.93 -16.24
C ASP B 152 9.51 3.43 -16.04
N TYR B 153 8.81 3.87 -15.00
CA TYR B 153 8.74 5.27 -14.64
C TYR B 153 9.27 5.47 -13.23
N PHE B 154 9.62 6.73 -12.93
CA PHE B 154 10.12 7.08 -11.61
C PHE B 154 9.96 8.57 -11.45
N PRO B 155 9.56 9.06 -10.28
CA PRO B 155 9.04 8.33 -9.12
C PRO B 155 7.53 8.12 -9.31
N GLU B 156 6.87 7.60 -8.29
CA GLU B 156 5.43 7.61 -8.27
C GLU B 156 4.91 9.04 -8.14
N PRO B 157 3.67 9.32 -8.57
CA PRO B 157 2.69 8.38 -9.15
C PRO B 157 2.41 8.68 -10.60
N VAL B 158 1.73 7.75 -11.25
CA VAL B 158 1.05 8.02 -12.52
C VAL B 158 -0.46 8.02 -12.27
N THR B 159 -1.18 8.71 -13.12
CA THR B 159 -2.61 8.58 -13.19
C THR B 159 -2.98 8.07 -14.58
N VAL B 160 -4.03 7.26 -14.64
CA VAL B 160 -4.49 6.70 -15.91
C VAL B 160 -5.99 7.00 -16.06
N SER B 161 -6.36 7.57 -17.18
CA SER B 161 -7.75 7.67 -17.57
C SER B 161 -7.95 6.90 -18.87
N TRP B 162 -9.22 6.69 -19.21
CA TRP B 162 -9.60 6.02 -20.45
C TRP B 162 -10.54 6.92 -21.24
N ASN B 163 -10.23 7.07 -22.53
CA ASN B 163 -11.00 7.92 -23.45
C ASN B 163 -11.25 9.30 -22.84
N SER B 164 -10.16 9.89 -22.33
CA SER B 164 -10.19 11.22 -21.73
C SER B 164 -11.19 11.33 -20.58
N GLY B 165 -11.41 10.25 -19.83
CA GLY B 165 -12.29 10.27 -18.70
C GLY B 165 -13.72 9.88 -19.01
N ALA B 166 -14.06 9.64 -20.27
CA ALA B 166 -15.41 9.22 -20.61
C ALA B 166 -15.68 7.77 -20.20
N LEU B 167 -14.63 6.96 -20.07
CA LEU B 167 -14.76 5.54 -19.73
C LEU B 167 -14.20 5.32 -18.33
N THR B 168 -15.09 4.99 -17.39
CA THR B 168 -14.72 4.79 -15.99
C THR B 168 -15.26 3.48 -15.43
N SER B 169 -16.40 3.02 -15.94
CA SER B 169 -16.99 1.77 -15.47
C SER B 169 -16.13 0.58 -15.88
N GLY B 170 -15.86 -0.30 -14.93
CA GLY B 170 -15.07 -1.48 -15.23
C GLY B 170 -13.57 -1.25 -15.29
N VAL B 171 -13.09 -0.06 -14.92
CA VAL B 171 -11.66 0.24 -15.01
C VAL B 171 -10.99 -0.16 -13.71
N HIS B 172 -9.87 -0.87 -13.82
CA HIS B 172 -9.03 -1.21 -12.67
C HIS B 172 -7.62 -0.76 -12.98
N THR B 173 -7.10 0.20 -12.20
CA THR B 173 -5.72 0.64 -12.33
C THR B 173 -5.00 0.16 -11.10
N PHE B 174 -4.07 -0.77 -11.29
CA PHE B 174 -3.43 -1.51 -10.22
C PHE B 174 -2.41 -0.64 -9.49
N PRO B 175 -2.14 -0.93 -8.22
CA PRO B 175 -1.03 -0.26 -7.53
C PRO B 175 0.28 -0.58 -8.23
N ALA B 176 1.20 0.38 -8.20
CA ALA B 176 2.47 0.15 -8.85
C ALA B 176 3.32 -0.81 -8.04
N VAL B 177 4.23 -1.48 -8.72
CA VAL B 177 5.26 -2.29 -8.09
C VAL B 177 6.62 -1.69 -8.43
N LEU B 178 7.52 -1.70 -7.44
CA LEU B 178 8.87 -1.27 -7.71
C LEU B 178 9.65 -2.46 -8.28
N GLN B 179 10.19 -2.29 -9.48
CA GLN B 179 10.95 -3.37 -10.09
C GLN B 179 12.40 -3.37 -9.59
N SER B 180 13.08 -4.50 -9.80
CA SER B 180 14.47 -4.62 -9.40
C SER B 180 15.36 -3.57 -10.06
N SER B 181 14.91 -2.99 -11.17
CA SER B 181 15.62 -1.91 -11.84
C SER B 181 15.51 -0.56 -11.12
N GLY B 182 14.68 -0.46 -10.08
CA GLY B 182 14.42 0.81 -9.44
C GLY B 182 13.33 1.64 -10.08
N LEU B 183 12.70 1.15 -11.14
CA LEU B 183 11.61 1.86 -11.79
C LEU B 183 10.30 1.16 -11.48
N TYR B 184 9.20 1.90 -11.57
CA TYR B 184 7.89 1.39 -11.21
C TYR B 184 7.18 0.90 -12.45
N SER B 185 6.18 0.04 -12.24
CA SER B 185 5.33 -0.40 -13.33
C SER B 185 3.95 -0.74 -12.79
N LEU B 186 2.93 -0.53 -13.61
CA LEU B 186 1.59 -1.00 -13.31
C LEU B 186 0.84 -1.22 -14.62
N SER B 187 -0.29 -1.92 -14.53
CA SER B 187 -1.22 -1.98 -15.62
C SER B 187 -2.54 -1.34 -15.22
N SER B 188 -3.23 -0.78 -16.21
CA SER B 188 -4.62 -0.37 -16.10
C SER B 188 -5.41 -1.19 -17.11
N VAL B 189 -6.49 -1.80 -16.63
CA VAL B 189 -7.33 -2.64 -17.47
C VAL B 189 -8.78 -2.17 -17.43
N VAL B 190 -9.55 -2.58 -18.44
CA VAL B 190 -10.97 -2.27 -18.46
C VAL B 190 -11.67 -3.43 -19.16
N THR B 191 -12.88 -3.73 -18.71
CA THR B 191 -13.72 -4.70 -19.42
C THR B 191 -14.77 -3.97 -20.24
N VAL B 192 -14.92 -4.41 -21.49
CA VAL B 192 -15.80 -3.80 -22.48
C VAL B 192 -16.57 -4.89 -23.20
N PRO B 193 -17.65 -4.52 -23.89
CA PRO B 193 -18.33 -5.48 -24.76
C PRO B 193 -17.42 -5.95 -25.89
N SER B 194 -17.33 -7.27 -26.08
CA SER B 194 -16.51 -7.77 -27.18
C SER B 194 -17.08 -7.37 -28.53
N SER B 195 -18.36 -7.01 -28.58
CA SER B 195 -19.00 -6.59 -29.83
C SER B 195 -18.66 -5.15 -30.19
N SER B 196 -18.09 -4.38 -29.27
CA SER B 196 -17.65 -3.02 -29.55
C SER B 196 -16.23 -2.97 -30.07
N LEU B 197 -15.51 -4.08 -30.11
CA LEU B 197 -14.08 -4.05 -30.39
C LEU B 197 -13.76 -3.52 -31.78
N GLY B 198 -14.67 -3.69 -32.74
CA GLY B 198 -14.41 -3.15 -34.06
C GLY B 198 -14.96 -1.76 -34.29
N THR B 199 -15.80 -1.28 -33.38
CA THR B 199 -16.49 -0.01 -33.48
C THR B 199 -15.92 1.05 -32.55
N GLN B 200 -15.76 0.71 -31.27
CA GLN B 200 -15.36 1.67 -30.26
C GLN B 200 -13.85 1.79 -30.20
N THR B 201 -13.36 3.03 -30.12
CA THR B 201 -11.94 3.33 -29.95
C THR B 201 -11.63 3.34 -28.45
N TYR B 202 -10.50 2.73 -28.09
CA TYR B 202 -10.04 2.75 -26.69
C TYR B 202 -8.62 3.33 -26.61
N ILE B 203 -8.48 4.37 -25.80
CA ILE B 203 -7.21 5.07 -25.61
C ILE B 203 -6.99 5.26 -24.12
N CYS B 204 -5.83 4.82 -23.62
CA CYS B 204 -5.45 5.13 -22.25
C CYS B 204 -4.64 6.42 -22.23
N ASN B 205 -4.97 7.28 -21.26
CA ASN B 205 -4.31 8.58 -21.08
C ASN B 205 -3.49 8.48 -19.81
N VAL B 206 -2.17 8.47 -19.98
CA VAL B 206 -1.24 8.24 -18.87
C VAL B 206 -0.51 9.54 -18.56
N ASN B 207 -0.75 10.07 -17.38
CA ASN B 207 -0.09 11.30 -16.93
C ASN B 207 0.94 10.96 -15.88
N HIS B 208 2.08 11.63 -15.95
CA HIS B 208 3.15 11.45 -14.97
C HIS B 208 3.62 12.85 -14.61
N LYS B 209 3.03 13.40 -13.54
CA LYS B 209 3.34 14.75 -13.10
C LYS B 209 4.83 14.98 -12.82
N PRO B 210 5.57 14.04 -12.19
CA PRO B 210 6.99 14.31 -11.92
C PRO B 210 7.81 14.61 -13.16
N SER B 211 7.50 14.00 -14.29
CA SER B 211 8.21 14.29 -15.53
C SER B 211 7.46 15.30 -16.38
N ASN B 212 6.28 15.74 -15.92
CA ASN B 212 5.42 16.64 -16.70
C ASN B 212 5.12 16.08 -18.08
N THR B 213 4.80 14.78 -18.14
CA THR B 213 4.51 14.11 -19.42
C THR B 213 3.12 13.48 -19.41
N LYS B 214 2.57 13.38 -20.60
CA LYS B 214 1.29 12.72 -20.86
C LYS B 214 1.52 11.85 -22.06
N VAL B 215 1.06 10.60 -22.00
CA VAL B 215 1.13 9.68 -23.12
C VAL B 215 -0.26 9.11 -23.34
N ASP B 216 -0.71 9.13 -24.60
CA ASP B 216 -1.96 8.51 -25.01
C ASP B 216 -1.62 7.31 -25.85
N LYS B 217 -2.28 6.19 -25.59
CA LYS B 217 -1.98 4.96 -26.32
C LYS B 217 -3.28 4.32 -26.76
N ARG B 218 -3.44 4.16 -28.06
CA ARG B 218 -4.62 3.48 -28.58
C ARG B 218 -4.40 1.97 -28.50
N VAL B 219 -5.40 1.26 -28.01
CA VAL B 219 -5.31 -0.16 -27.75
C VAL B 219 -6.25 -0.85 -28.73
N GLU B 220 -5.70 -1.58 -29.67
CA GLU B 220 -6.46 -2.24 -30.73
C GLU B 220 -6.24 -3.75 -30.69
N PRO B 221 -7.14 -4.53 -31.29
CA PRO B 221 -6.81 -5.93 -31.58
C PRO B 221 -5.54 -6.01 -32.41
N LYS B 222 -4.68 -6.98 -32.10
CA LYS B 222 -3.40 -7.11 -32.80
C LYS B 222 -3.58 -7.54 -34.26
C3' NHE C . 17.58 2.52 22.03
C2' NHE C . 17.46 2.87 23.52
C1' NHE C . 16.87 4.23 23.19
C6' NHE C . 15.35 4.18 23.10
N NHE C . 17.43 5.47 23.69
C1 NHE C . 18.84 5.49 24.16
C2 NHE C . 19.41 6.79 23.61
S NHE C . 19.81 6.59 21.85
O1 NHE C . 18.52 6.24 21.10
O2 NHE C . 20.39 7.85 21.31
O3 NHE C . 20.79 5.49 21.65
C5' NHE C . 15.34 3.85 21.61
C4' NHE C . 16.18 2.57 21.33
C1 EDO D . 16.90 23.21 12.39
O1 EDO D . 16.19 24.22 11.64
C2 EDO D . 18.20 22.91 11.65
O2 EDO D . 18.66 21.59 11.92
#